data_6H93
#
_entry.id   6H93
#
_cell.length_a   38.350
_cell.length_b   117.140
_cell.length_c   53.190
_cell.angle_alpha   90.00
_cell.angle_beta   99.14
_cell.angle_gamma   90.00
#
_symmetry.space_group_name_H-M   'P 1 21 1'
#
loop_
_entity.id
_entity.type
_entity.pdbx_description
1 polymer Beta-phosphoglucomutase
2 non-polymer 'MAGNESIUM ION'
3 non-polymer 1,2-ETHANEDIOL
4 non-polymer 'ACETATE ION'
5 non-polymer 'PHOSPHATE ION'
6 non-polymer 1,3-PROPANDIOL
7 water water
#
_entity_poly.entity_id   1
_entity_poly.type   'polypeptide(L)'
_entity_poly.pdbx_seq_one_letter_code
;MFKAVLFDLDGVITDTAEYHFRAWKALAEEIGINGVDRQFNEQLKGVSREDSLQKILDLADKKVSAEEFKELAKRKNDNY
VKMIQDVSPADVYPGILQLLKDLRSNKIKIALASASKNGPFLLERMNLTGYFDAIADPAEVAASKPAPDIFIAAAHAVGV
APSESIGLEDSQAGIQAIKDSGALPIGVGRPEDLGDDIVIVPDTSHYTLEFLKEVWLQKQK
;
_entity_poly.pdbx_strand_id   A,B
#
loop_
_chem_comp.id
_chem_comp.type
_chem_comp.name
_chem_comp.formula
ACT non-polymer 'ACETATE ION' 'C2 H3 O2 -1'
EDO non-polymer 1,2-ETHANEDIOL 'C2 H6 O2'
MG non-polymer 'MAGNESIUM ION' 'Mg 2'
PDO non-polymer 1,3-PROPANDIOL 'C3 H8 O2'
PO4 non-polymer 'PHOSPHATE ION' 'O4 P -3'
#
# COMPACT_ATOMS: atom_id res chain seq x y z
N MET A 1 -16.78 20.90 -19.59
CA MET A 1 -15.62 19.99 -19.33
C MET A 1 -14.65 20.75 -18.42
N PHE A 2 -13.93 20.01 -17.58
CA PHE A 2 -12.86 20.61 -16.77
C PHE A 2 -11.90 21.45 -17.61
N LYS A 3 -11.43 22.53 -16.99
CA LYS A 3 -10.51 23.47 -17.63
C LYS A 3 -9.06 23.40 -17.17
N ALA A 4 -8.82 22.70 -16.05
CA ALA A 4 -7.46 22.57 -15.53
C ALA A 4 -7.29 21.26 -14.81
N VAL A 5 -6.04 20.82 -14.74
CA VAL A 5 -5.65 19.69 -13.89
C VAL A 5 -4.53 20.18 -12.96
N LEU A 6 -4.76 19.94 -11.67
CA LEU A 6 -3.87 20.33 -10.61
C LEU A 6 -3.19 19.08 -10.07
N PHE A 7 -1.87 19.02 -10.24
CA PHE A 7 -1.09 17.83 -9.98
C PHE A 7 -0.32 18.05 -8.66
N ASP A 8 -0.40 17.08 -7.75
CA ASP A 8 0.75 16.95 -6.78
C ASP A 8 1.98 16.42 -7.52
N LEU A 9 3.15 16.57 -6.90
CA LEU A 9 4.38 16.06 -7.46
C LEU A 9 4.64 14.63 -6.92
N ASP A 10 4.95 14.51 -5.65
CA ASP A 10 5.25 13.20 -5.06
C ASP A 10 4.04 12.29 -5.12
N GLY A 11 4.27 11.06 -5.58
CA GLY A 11 3.23 10.05 -5.72
C GLY A 11 2.31 10.18 -6.93
N VAL A 12 2.49 11.22 -7.74
CA VAL A 12 1.69 11.40 -8.95
C VAL A 12 2.63 11.56 -10.14
N ILE A 13 3.49 12.58 -10.13
CA ILE A 13 4.41 12.81 -11.26
C ILE A 13 5.68 12.01 -11.04
N THR A 14 6.18 11.95 -9.82
CA THR A 14 7.39 11.18 -9.53
C THR A 14 7.45 10.82 -8.05
N ASP A 15 8.55 10.19 -7.65
CA ASP A 15 8.76 9.75 -6.27
C ASP A 15 9.83 10.64 -5.66
N THR A 16 9.43 11.60 -4.82
CA THR A 16 10.41 12.36 -4.03
C THR A 16 10.65 11.71 -2.67
N ALA A 17 9.73 10.87 -2.22
CA ALA A 17 9.84 10.25 -0.87
C ALA A 17 11.14 9.46 -0.73
N GLU A 18 11.55 8.82 -1.82
CA GLU A 18 12.76 8.06 -1.87
C GLU A 18 13.96 8.91 -1.48
N TYR A 19 13.99 10.12 -2.01
CA TYR A 19 15.13 10.96 -1.81
C TYR A 19 15.14 11.56 -0.38
N HIS A 20 13.97 11.92 0.17
CA HIS A 20 13.94 12.29 1.59
C HIS A 20 14.45 11.16 2.50
N PHE A 21 14.01 9.94 2.21
CA PHE A 21 14.40 8.80 2.98
C PHE A 21 15.92 8.63 2.93
N ARG A 22 16.47 8.65 1.72
CA ARG A 22 17.93 8.53 1.57
C ARG A 22 18.66 9.64 2.32
N ALA A 23 18.12 10.86 2.29
CA ALA A 23 18.72 11.99 2.99
C ALA A 23 18.75 11.81 4.50
N TRP A 24 17.65 11.32 5.09
CA TRP A 24 17.59 11.03 6.52
C TRP A 24 18.45 9.84 6.94
N LYS A 25 18.48 8.83 6.09
CA LYS A 25 19.23 7.61 6.39
C LYS A 25 20.71 7.96 6.38
N ALA A 26 21.14 8.73 5.38
CA ALA A 26 22.54 9.19 5.30
C ALA A 26 22.89 10.08 6.47
N LEU A 27 21.95 10.94 6.89
CA LEU A 27 22.18 11.76 8.07
C LEU A 27 22.37 10.89 9.31
N ALA A 28 21.50 9.89 9.50
CA ALA A 28 21.50 9.07 10.69
C ALA A 28 22.80 8.26 10.75
N GLU A 29 23.21 7.72 9.60
CA GLU A 29 24.49 6.97 9.50
C GLU A 29 25.65 7.86 9.87
N GLU A 30 25.69 9.08 9.34
CA GLU A 30 26.78 10.02 9.64
C GLU A 30 26.98 10.24 11.15
N ILE A 31 25.88 10.32 11.92
CA ILE A 31 25.98 10.49 13.39
C ILE A 31 25.82 9.20 14.16
N GLY A 32 25.91 8.06 13.47
CA GLY A 32 25.95 6.74 14.14
C GLY A 32 24.65 6.24 14.75
N ILE A 33 23.50 6.65 14.22
CA ILE A 33 22.22 6.12 14.66
C ILE A 33 21.73 5.06 13.66
N ASN A 34 21.32 3.92 14.22
CA ASN A 34 20.82 2.75 13.47
C ASN A 34 19.32 2.77 13.53
N GLY A 35 18.69 2.09 12.58
CA GLY A 35 17.24 1.90 12.61
C GLY A 35 16.45 2.82 11.68
N VAL A 36 17.10 3.71 10.95
CA VAL A 36 16.38 4.56 9.98
C VAL A 36 16.28 3.76 8.68
N ASP A 37 15.25 2.93 8.62
CA ASP A 37 14.98 2.09 7.48
C ASP A 37 13.62 2.51 6.89
N ARG A 38 13.20 1.81 5.82
CA ARG A 38 12.00 2.20 5.10
C ARG A 38 10.73 2.07 5.93
N GLN A 39 10.66 1.13 6.84
CA GLN A 39 9.55 1.04 7.78
C GLN A 39 9.50 2.21 8.78
N PHE A 40 10.61 2.45 9.45
CA PHE A 40 10.73 3.64 10.33
C PHE A 40 10.36 4.94 9.61
N ASN A 41 10.79 5.05 8.36
CA ASN A 41 10.51 6.21 7.52
C ASN A 41 9.02 6.54 7.38
N GLU A 42 8.12 5.58 7.60
CA GLU A 42 6.71 5.84 7.57
C GLU A 42 6.34 6.86 8.63
N GLN A 43 7.07 6.90 9.73
CA GLN A 43 6.85 7.89 10.79
C GLN A 43 7.33 9.30 10.45
N LEU A 44 8.14 9.43 9.39
CA LEU A 44 8.67 10.71 8.92
C LEU A 44 7.84 11.30 7.78
N LYS A 45 6.97 10.51 7.15
CA LYS A 45 6.15 11.06 6.05
C LYS A 45 5.07 12.02 6.50
N GLY A 46 4.98 13.16 5.82
CA GLY A 46 3.99 14.17 6.15
C GLY A 46 4.28 14.93 7.44
N VAL A 47 5.53 14.82 7.94
CA VAL A 47 5.93 15.34 9.25
C VAL A 47 6.99 16.43 9.05
N SER A 48 6.99 17.42 9.93
CA SER A 48 7.94 18.52 9.75
C SER A 48 9.38 18.01 9.90
N ARG A 49 10.30 18.80 9.37
CA ARG A 49 11.69 18.44 9.49
C ARG A 49 12.16 18.36 10.97
N GLU A 50 11.65 19.26 11.82
CA GLU A 50 11.98 19.27 13.25
C GLU A 50 11.51 18.03 13.92
N ASP A 51 10.23 17.70 13.67
CA ASP A 51 9.65 16.50 14.21
C ASP A 51 10.38 15.27 13.74
N SER A 52 10.74 15.21 12.45
CA SER A 52 11.49 14.04 11.96
C SER A 52 12.84 13.83 12.64
N LEU A 53 13.61 14.92 12.73
CA LEU A 53 14.89 14.83 13.34
C LEU A 53 14.78 14.39 14.80
N GLN A 54 13.84 14.99 15.53
CA GLN A 54 13.57 14.60 16.92
C GLN A 54 13.32 13.07 17.05
N LYS A 55 12.58 12.49 16.09
CA LYS A 55 12.29 11.04 16.12
C LYS A 55 13.50 10.17 15.87
N ILE A 56 14.37 10.64 14.99
CA ILE A 56 15.60 9.94 14.68
C ILE A 56 16.50 9.98 15.89
N LEU A 57 16.64 11.17 16.47
CA LEU A 57 17.48 11.31 17.67
C LEU A 57 17.04 10.36 18.78
N ASP A 58 15.74 10.22 18.96
CA ASP A 58 15.18 9.29 19.97
C ASP A 58 15.55 7.83 19.80
N LEU A 59 15.83 7.38 18.58
CA LEU A 59 16.27 6.01 18.36
C LEU A 59 17.50 5.62 19.16
N ALA A 60 18.46 6.54 19.31
CA ALA A 60 19.65 6.32 20.14
C ALA A 60 19.67 7.09 21.48
N ASP A 61 18.50 7.59 21.89
N ASP A 61 18.53 7.63 21.91
CA ASP A 61 18.38 8.57 22.97
CA ASP A 61 18.46 8.51 23.07
C ASP A 61 19.50 9.60 23.02
C ASP A 61 19.49 9.65 23.05
N LYS A 62 19.80 10.17 21.85
CA LYS A 62 20.85 11.16 21.68
C LYS A 62 20.32 12.55 22.01
N LYS A 63 21.13 13.34 22.69
CA LYS A 63 20.77 14.71 23.05
C LYS A 63 21.66 15.68 22.29
N VAL A 64 21.11 16.82 21.86
CA VAL A 64 21.86 17.81 21.09
C VAL A 64 21.57 19.18 21.64
N SER A 65 22.46 20.14 21.35
CA SER A 65 22.23 21.56 21.63
C SER A 65 21.36 22.13 20.55
N ALA A 66 20.93 23.35 20.76
CA ALA A 66 20.12 24.05 19.77
C ALA A 66 20.92 24.28 18.50
N GLU A 67 22.21 24.54 18.67
CA GLU A 67 23.10 24.78 17.55
C GLU A 67 23.31 23.52 16.72
N GLU A 68 23.49 22.39 17.40
CA GLU A 68 23.65 21.09 16.74
C GLU A 68 22.36 20.68 16.07
N PHE A 69 21.22 20.86 16.73
CA PHE A 69 19.92 20.56 16.10
C PHE A 69 19.76 21.30 14.77
N LYS A 70 20.11 22.58 14.78
CA LYS A 70 20.01 23.41 13.59
C LYS A 70 20.92 22.91 12.44
N GLU A 71 22.12 22.49 12.80
CA GLU A 71 23.11 21.99 11.82
C GLU A 71 22.64 20.67 11.19
N LEU A 72 22.12 19.76 12.00
CA LEU A 72 21.62 18.49 11.54
C LEU A 72 20.44 18.67 10.57
N ALA A 73 19.53 19.58 10.92
CA ALA A 73 18.39 19.89 10.08
C ALA A 73 18.84 20.47 8.72
N LYS A 74 19.85 21.36 8.75
CA LYS A 74 20.42 21.91 7.52
C LYS A 74 21.09 20.82 6.70
N ARG A 75 21.85 19.96 7.37
CA ARG A 75 22.51 18.83 6.72
C ARG A 75 21.55 17.88 5.99
N LYS A 76 20.39 17.58 6.59
CA LYS A 76 19.39 16.77 5.90
C LYS A 76 19.03 17.42 4.59
N ASN A 77 18.81 18.73 4.60
CA ASN A 77 18.40 19.41 3.41
C ASN A 77 19.52 19.41 2.36
N ASP A 78 20.75 19.64 2.81
CA ASP A 78 21.90 19.58 1.90
C ASP A 78 21.98 18.21 1.27
N ASN A 79 21.77 17.17 2.08
CA ASN A 79 21.75 15.81 1.59
C ASN A 79 20.69 15.63 0.49
N TYR A 80 19.48 16.11 0.77
CA TYR A 80 18.38 16.01 -0.15
C TYR A 80 18.72 16.68 -1.48
N VAL A 81 19.22 17.92 -1.43
CA VAL A 81 19.49 18.65 -2.64
C VAL A 81 20.59 17.95 -3.46
N LYS A 82 21.56 17.38 -2.77
CA LYS A 82 22.56 16.54 -3.48
C LYS A 82 21.92 15.32 -4.16
N MET A 83 21.04 14.63 -3.47
CA MET A 83 20.53 13.37 -3.99
C MET A 83 19.56 13.57 -5.13
N ILE A 84 18.86 14.72 -5.17
CA ILE A 84 17.96 14.95 -6.32
C ILE A 84 18.68 15.43 -7.59
N GLN A 85 20.01 15.63 -7.55
CA GLN A 85 20.76 15.95 -8.76
C GLN A 85 20.67 14.77 -9.79
N ASP A 86 20.37 13.57 -9.32
CA ASP A 86 20.23 12.36 -10.12
C ASP A 86 18.90 12.29 -10.87
N VAL A 87 17.94 13.14 -10.53
CA VAL A 87 16.61 13.08 -11.20
C VAL A 87 16.73 13.35 -12.70
N SER A 88 15.93 12.64 -13.47
CA SER A 88 15.91 12.72 -14.92
C SER A 88 14.52 12.41 -15.44
N PRO A 89 14.30 12.53 -16.77
CA PRO A 89 13.04 12.10 -17.34
C PRO A 89 12.71 10.65 -17.07
N ALA A 90 13.72 9.81 -16.80
CA ALA A 90 13.47 8.41 -16.46
C ALA A 90 12.71 8.27 -15.14
N ASP A 91 12.57 9.34 -14.36
CA ASP A 91 11.86 9.28 -13.12
C ASP A 91 10.37 9.66 -13.16
N VAL A 92 9.87 10.02 -14.34
CA VAL A 92 8.46 10.39 -14.52
C VAL A 92 7.61 9.17 -14.41
N TYR A 93 6.55 9.24 -13.64
CA TYR A 93 5.67 8.08 -13.41
C TYR A 93 4.96 7.65 -14.70
N PRO A 94 4.58 6.38 -14.79
CA PRO A 94 3.97 5.94 -16.08
C PRO A 94 2.70 6.66 -16.45
N GLY A 95 2.51 6.95 -17.74
CA GLY A 95 1.32 7.65 -18.18
C GLY A 95 1.36 9.17 -18.07
N ILE A 96 2.22 9.70 -17.22
CA ILE A 96 2.12 11.11 -16.88
C ILE A 96 2.57 11.99 -18.06
N LEU A 97 3.69 11.67 -18.68
CA LEU A 97 4.14 12.49 -19.80
C LEU A 97 3.04 12.53 -20.89
N GLN A 98 2.42 11.40 -21.21
CA GLN A 98 1.39 11.36 -22.27
C GLN A 98 0.14 12.14 -21.90
N LEU A 99 -0.20 12.11 -20.61
CA LEU A 99 -1.29 12.82 -20.10
C LEU A 99 -1.03 14.31 -20.23
N LEU A 100 0.18 14.75 -19.88
CA LEU A 100 0.53 16.18 -19.99
C LEU A 100 0.42 16.64 -21.44
N LYS A 101 0.93 15.82 -22.35
CA LYS A 101 0.84 16.14 -23.77
C LYS A 101 -0.59 16.33 -24.27
N ASP A 102 -1.45 15.39 -23.93
CA ASP A 102 -2.83 15.39 -24.31
C ASP A 102 -3.60 16.55 -23.66
N LEU A 103 -3.32 16.86 -22.38
CA LEU A 103 -3.94 18.02 -21.76
C LEU A 103 -3.57 19.29 -22.50
N ARG A 104 -2.29 19.45 -22.76
CA ARG A 104 -1.76 20.63 -23.43
C ARG A 104 -2.37 20.73 -24.85
N SER A 105 -2.46 19.61 -25.56
CA SER A 105 -3.04 19.65 -26.93
C SER A 105 -4.53 19.99 -26.94
N ASN A 106 -5.25 19.66 -25.84
CA ASN A 106 -6.65 20.02 -25.65
C ASN A 106 -6.87 21.35 -24.91
N LYS A 107 -5.83 22.16 -24.78
CA LYS A 107 -5.90 23.46 -24.15
C LYS A 107 -6.46 23.44 -22.73
N ILE A 108 -6.17 22.36 -22.01
CA ILE A 108 -6.49 22.25 -20.61
C ILE A 108 -5.26 22.71 -19.82
N LYS A 109 -5.50 23.51 -18.78
CA LYS A 109 -4.39 24.13 -18.05
C LYS A 109 -3.83 23.08 -17.12
N ILE A 110 -2.54 23.22 -16.84
CA ILE A 110 -1.77 22.27 -16.04
C ILE A 110 -1.04 23.09 -14.98
N ALA A 111 -1.25 22.74 -13.70
CA ALA A 111 -0.62 23.41 -12.60
C ALA A 111 -0.09 22.43 -11.57
N LEU A 112 1.02 22.78 -10.93
CA LEU A 112 1.57 22.01 -9.81
C LEU A 112 1.10 22.60 -8.48
N ALA A 113 0.57 21.72 -7.63
CA ALA A 113 0.09 22.03 -6.30
C ALA A 113 0.82 21.17 -5.28
N SER A 114 2.11 21.43 -5.14
CA SER A 114 3.01 20.58 -4.33
C SER A 114 3.70 21.40 -3.25
N ALA A 115 3.86 20.79 -2.10
CA ALA A 115 4.62 21.39 -1.02
C ALA A 115 6.13 21.36 -1.26
N SER A 116 6.58 20.66 -2.31
CA SER A 116 7.98 20.60 -2.63
C SER A 116 8.61 21.97 -2.80
N LYS A 117 9.65 22.23 -2.01
CA LYS A 117 10.47 23.41 -2.20
C LYS A 117 11.40 23.33 -3.39
N ASN A 118 11.39 22.20 -4.07
CA ASN A 118 12.22 22.04 -5.25
C ASN A 118 11.40 21.70 -6.48
N GLY A 119 10.12 22.04 -6.47
CA GLY A 119 9.26 21.72 -7.60
C GLY A 119 9.75 22.15 -8.97
N PRO A 120 10.09 23.46 -9.13
CA PRO A 120 10.58 23.89 -10.44
C PRO A 120 11.85 23.17 -10.89
N PHE A 121 12.77 22.97 -9.95
CA PHE A 121 13.99 22.18 -10.27
C PHE A 121 13.63 20.77 -10.76
N LEU A 122 12.77 20.09 -10.00
CA LEU A 122 12.40 18.73 -10.35
C LEU A 122 11.70 18.60 -11.69
N LEU A 123 10.76 19.51 -11.98
CA LEU A 123 10.09 19.47 -13.26
C LEU A 123 11.05 19.75 -14.41
N GLU A 124 11.98 20.66 -14.20
CA GLU A 124 13.01 20.94 -15.19
C GLU A 124 13.91 19.75 -15.47
N ARG A 125 14.40 19.10 -14.42
CA ARG A 125 15.23 17.87 -14.59
C ARG A 125 14.47 16.74 -15.28
N MET A 126 13.15 16.65 -15.08
CA MET A 126 12.30 15.67 -15.75
C MET A 126 11.84 16.13 -17.14
N ASN A 127 12.24 17.33 -17.57
CA ASN A 127 11.88 17.93 -18.84
C ASN A 127 10.37 18.11 -19.03
N LEU A 128 9.71 18.53 -17.95
CA LEU A 128 8.25 18.71 -17.91
C LEU A 128 7.86 20.18 -17.83
N THR A 129 8.82 21.08 -17.63
CA THR A 129 8.51 22.47 -17.34
C THR A 129 7.60 23.09 -18.39
N GLY A 130 7.82 22.70 -19.64
CA GLY A 130 7.10 23.25 -20.81
C GLY A 130 5.62 22.95 -20.81
N TYR A 131 5.21 21.88 -20.11
CA TYR A 131 3.80 21.55 -19.98
C TYR A 131 3.07 22.36 -18.91
N PHE A 132 3.79 22.89 -17.93
CA PHE A 132 3.15 23.52 -16.81
C PHE A 132 2.83 24.97 -17.05
N ASP A 133 1.57 25.34 -16.83
CA ASP A 133 1.16 26.74 -16.93
C ASP A 133 1.46 27.51 -15.65
N ALA A 134 1.45 26.81 -14.52
CA ALA A 134 1.87 27.41 -13.26
C ALA A 134 2.40 26.38 -12.30
N ILE A 135 3.18 26.87 -11.36
CA ILE A 135 3.61 26.12 -10.18
C ILE A 135 3.26 26.97 -8.96
N ALA A 136 2.40 26.44 -8.09
CA ALA A 136 2.04 27.15 -6.88
C ALA A 136 3.28 27.14 -5.99
N ASP A 137 3.67 28.30 -5.48
CA ASP A 137 4.83 28.41 -4.62
C ASP A 137 4.43 28.16 -3.19
N PRO A 138 4.83 27.02 -2.60
CA PRO A 138 4.43 26.72 -1.23
C PRO A 138 4.90 27.74 -0.20
N ALA A 139 5.95 28.51 -0.52
CA ALA A 139 6.37 29.62 0.35
C ALA A 139 5.33 30.75 0.41
N GLU A 140 4.46 30.86 -0.60
CA GLU A 140 3.50 31.99 -0.66
C GLU A 140 2.12 31.60 -0.17
N VAL A 141 2.00 30.34 0.27
CA VAL A 141 0.77 29.71 0.74
C VAL A 141 0.80 29.53 2.26
N ALA A 142 -0.30 29.91 2.90
CA ALA A 142 -0.37 30.01 4.38
C ALA A 142 -0.48 28.70 5.15
N ALA A 143 -1.16 27.70 4.60
CA ALA A 143 -1.38 26.44 5.30
C ALA A 143 -1.12 25.24 4.42
N SER A 144 -0.56 24.19 4.99
CA SER A 144 -0.30 22.97 4.23
C SER A 144 -1.56 22.11 4.13
N LYS A 145 -1.50 21.16 3.20
CA LYS A 145 -2.50 20.09 3.05
C LYS A 145 -2.64 19.47 4.46
N PRO A 146 -3.85 19.18 4.97
CA PRO A 146 -5.10 19.10 4.18
C PRO A 146 -5.87 20.41 3.97
N ALA A 147 -5.30 21.55 4.33
CA ALA A 147 -5.90 22.84 3.91
C ALA A 147 -5.91 22.92 2.38
N PRO A 148 -6.97 23.50 1.79
CA PRO A 148 -7.11 23.60 0.32
C PRO A 148 -6.25 24.69 -0.34
N ASP A 149 -5.55 25.51 0.46
CA ASP A 149 -4.90 26.75 0.01
C ASP A 149 -4.01 26.53 -1.25
N ILE A 150 -3.20 25.49 -1.24
CA ILE A 150 -2.26 25.26 -2.34
C ILE A 150 -2.99 24.93 -3.65
N PHE A 151 -4.09 24.15 -3.57
CA PHE A 151 -4.88 23.84 -4.75
C PHE A 151 -5.65 25.08 -5.24
N ILE A 152 -6.09 25.91 -4.29
CA ILE A 152 -6.74 27.16 -4.68
C ILE A 152 -5.73 28.04 -5.42
N ALA A 153 -4.52 28.12 -4.87
CA ALA A 153 -3.49 28.93 -5.46
C ALA A 153 -3.13 28.42 -6.85
N ALA A 154 -3.04 27.12 -7.04
CA ALA A 154 -2.65 26.53 -8.32
C ALA A 154 -3.71 26.82 -9.38
N ALA A 155 -5.00 26.68 -9.01
CA ALA A 155 -6.12 27.00 -9.94
C ALA A 155 -6.08 28.46 -10.33
N HIS A 156 -6.07 29.34 -9.34
CA HIS A 156 -6.07 30.76 -9.61
C HIS A 156 -4.90 31.16 -10.50
N ALA A 157 -3.72 30.54 -10.31
CA ALA A 157 -2.54 30.93 -11.05
C ALA A 157 -2.71 30.65 -12.54
N VAL A 158 -3.56 29.70 -12.90
CA VAL A 158 -3.85 29.44 -14.31
C VAL A 158 -5.18 30.07 -14.78
N GLY A 159 -5.77 30.90 -13.94
CA GLY A 159 -6.97 31.69 -14.29
C GLY A 159 -8.28 30.94 -14.24
N VAL A 160 -8.34 29.88 -13.42
CA VAL A 160 -9.58 29.10 -13.22
C VAL A 160 -10.00 29.04 -11.76
N ALA A 161 -11.27 28.71 -11.55
CA ALA A 161 -11.73 28.44 -10.20
C ALA A 161 -11.41 26.99 -9.95
N PRO A 162 -11.15 26.62 -8.68
CA PRO A 162 -10.97 25.21 -8.39
C PRO A 162 -12.13 24.32 -8.85
N SER A 163 -13.37 24.83 -8.82
CA SER A 163 -14.54 24.07 -9.27
C SER A 163 -14.53 23.71 -10.76
N GLU A 164 -13.67 24.37 -11.53
CA GLU A 164 -13.45 23.99 -12.92
C GLU A 164 -12.33 23.00 -13.09
N SER A 165 -11.80 22.43 -11.99
CA SER A 165 -10.56 21.68 -12.08
C SER A 165 -10.70 20.28 -11.52
N ILE A 166 -9.82 19.40 -11.99
CA ILE A 166 -9.53 18.08 -11.41
C ILE A 166 -8.21 18.16 -10.62
N GLY A 167 -8.20 17.56 -9.42
CA GLY A 167 -6.95 17.43 -8.64
C GLY A 167 -6.53 15.97 -8.63
N LEU A 168 -5.24 15.72 -8.89
CA LEU A 168 -4.66 14.37 -8.83
C LEU A 168 -3.75 14.24 -7.59
N GLU A 169 -4.01 13.23 -6.74
CA GLU A 169 -3.30 13.04 -5.46
C GLU A 169 -3.29 11.58 -5.08
N ASP A 170 -2.29 11.24 -4.29
CA ASP A 170 -2.13 9.86 -3.77
C ASP A 170 -2.28 9.81 -2.25
N SER A 171 -2.45 10.95 -1.59
CA SER A 171 -2.42 11.00 -0.10
C SER A 171 -3.74 11.42 0.45
N GLN A 172 -4.00 10.99 1.68
CA GLN A 172 -5.25 11.39 2.33
C GLN A 172 -5.39 12.88 2.50
N ALA A 173 -4.32 13.51 2.97
CA ALA A 173 -4.33 14.95 3.20
C ALA A 173 -4.56 15.73 1.89
N GLY A 174 -3.93 15.25 0.81
CA GLY A 174 -4.06 15.89 -0.51
C GLY A 174 -5.45 15.76 -1.07
N ILE A 175 -6.03 14.57 -0.94
CA ILE A 175 -7.41 14.36 -1.40
C ILE A 175 -8.37 15.27 -0.66
N GLN A 176 -8.17 15.41 0.64
CA GLN A 176 -9.04 16.28 1.44
C GLN A 176 -8.85 17.72 1.02
N ALA A 177 -7.61 18.10 0.71
CA ALA A 177 -7.33 19.47 0.29
C ALA A 177 -8.03 19.78 -1.04
N ILE A 178 -8.00 18.81 -1.96
CA ILE A 178 -8.68 18.96 -3.23
C ILE A 178 -10.20 19.09 -3.02
N LYS A 179 -10.77 18.18 -2.27
CA LYS A 179 -12.18 18.28 -1.89
C LYS A 179 -12.53 19.64 -1.33
N ASP A 180 -11.81 20.12 -0.31
CA ASP A 180 -12.13 21.42 0.26
C ASP A 180 -11.84 22.63 -0.59
N SER A 181 -11.03 22.50 -1.64
CA SER A 181 -10.83 23.60 -2.59
C SER A 181 -12.01 23.81 -3.53
N GLY A 182 -12.77 22.74 -3.77
CA GLY A 182 -13.88 22.70 -4.73
C GLY A 182 -13.60 21.92 -5.98
N ALA A 183 -12.35 21.49 -6.15
CA ALA A 183 -11.93 20.71 -7.28
C ALA A 183 -12.40 19.29 -7.14
N LEU A 184 -12.43 18.58 -8.25
CA LEU A 184 -12.77 17.15 -8.23
C LEU A 184 -11.52 16.28 -8.03
N PRO A 185 -11.47 15.50 -6.93
CA PRO A 185 -10.33 14.60 -6.80
C PRO A 185 -10.45 13.31 -7.59
N ILE A 186 -9.33 12.86 -8.13
CA ILE A 186 -9.21 11.50 -8.64
C ILE A 186 -7.92 10.98 -8.02
N GLY A 187 -8.08 10.02 -7.10
CA GLY A 187 -6.96 9.46 -6.34
C GLY A 187 -6.19 8.42 -7.13
N VAL A 188 -4.94 8.19 -6.74
CA VAL A 188 -4.16 7.08 -7.26
C VAL A 188 -3.64 6.29 -6.06
N GLY A 189 -3.94 4.99 -6.06
CA GLY A 189 -3.51 4.05 -5.04
C GLY A 189 -4.68 3.12 -4.74
N ARG A 190 -5.09 3.07 -3.47
CA ARG A 190 -6.02 2.07 -2.94
C ARG A 190 -7.17 2.72 -2.23
N PRO A 191 -8.41 2.21 -2.42
CA PRO A 191 -9.51 2.78 -1.66
C PRO A 191 -9.44 2.52 -0.16
N GLU A 192 -8.64 1.52 0.22
CA GLU A 192 -8.35 1.18 1.62
C GLU A 192 -7.66 2.34 2.30
N ASP A 193 -6.86 3.07 1.51
CA ASP A 193 -6.14 4.22 1.99
C ASP A 193 -6.89 5.53 1.75
N LEU A 194 -7.56 5.67 0.61
CA LEU A 194 -8.07 6.99 0.23
C LEU A 194 -9.57 7.21 0.36
N GLY A 195 -10.34 6.17 0.66
CA GLY A 195 -11.80 6.30 0.80
C GLY A 195 -12.58 5.79 -0.37
N ASP A 196 -13.82 5.42 -0.11
CA ASP A 196 -14.71 4.82 -1.10
C ASP A 196 -15.55 5.88 -1.83
N ASP A 197 -15.48 7.13 -1.38
CA ASP A 197 -16.33 8.19 -1.95
C ASP A 197 -15.73 8.87 -3.19
N ILE A 198 -14.47 8.58 -3.52
CA ILE A 198 -13.87 9.16 -4.72
C ILE A 198 -13.48 8.13 -5.74
N VAL A 199 -13.27 8.58 -6.97
CA VAL A 199 -12.71 7.73 -8.00
C VAL A 199 -11.22 7.57 -7.71
N ILE A 200 -10.76 6.32 -7.66
CA ILE A 200 -9.35 5.98 -7.51
C ILE A 200 -8.91 5.05 -8.61
N VAL A 201 -7.70 5.28 -9.09
CA VAL A 201 -7.03 4.41 -10.04
C VAL A 201 -5.87 3.72 -9.33
N PRO A 202 -5.53 2.49 -9.75
CA PRO A 202 -4.54 1.72 -9.01
C PRO A 202 -3.12 2.20 -9.28
N ASP A 203 -2.84 2.71 -10.48
CA ASP A 203 -1.57 3.41 -10.73
C ASP A 203 -1.75 4.54 -11.74
N THR A 204 -0.67 5.31 -11.96
CA THR A 204 -0.78 6.49 -12.79
C THR A 204 -1.01 6.20 -14.24
N SER A 205 -0.73 4.97 -14.71
CA SER A 205 -1.00 4.62 -16.11
C SER A 205 -2.49 4.68 -16.48
N HIS A 206 -3.36 4.63 -15.48
CA HIS A 206 -4.79 4.82 -15.66
C HIS A 206 -5.25 6.29 -15.77
N TYR A 207 -4.40 7.23 -15.39
CA TYR A 207 -4.70 8.65 -15.61
C TYR A 207 -4.50 9.00 -17.07
N THR A 208 -5.57 8.86 -17.86
CA THR A 208 -5.55 9.24 -19.28
C THR A 208 -6.56 10.37 -19.42
N LEU A 209 -6.44 11.16 -20.48
CA LEU A 209 -7.39 12.21 -20.73
C LEU A 209 -8.80 11.63 -20.91
N GLU A 210 -8.91 10.51 -21.64
CA GLU A 210 -10.23 9.91 -21.85
C GLU A 210 -10.88 9.54 -20.52
N PHE A 211 -10.11 8.92 -19.62
CA PHE A 211 -10.63 8.58 -18.30
C PHE A 211 -11.02 9.80 -17.48
N LEU A 212 -10.18 10.84 -17.47
CA LEU A 212 -10.55 12.08 -16.75
C LEU A 212 -11.88 12.69 -17.23
N LYS A 213 -12.09 12.69 -18.55
CA LYS A 213 -13.33 13.19 -19.14
C LYS A 213 -14.53 12.40 -18.69
N GLU A 214 -14.39 11.08 -18.72
CA GLU A 214 -15.51 10.21 -18.31
C GLU A 214 -15.85 10.46 -16.85
N VAL A 215 -14.83 10.61 -16.00
CA VAL A 215 -15.06 10.86 -14.59
C VAL A 215 -15.76 12.22 -14.42
N TRP A 216 -15.30 13.25 -15.15
CA TRP A 216 -15.92 14.55 -15.06
C TRP A 216 -17.41 14.51 -15.46
N LEU A 217 -17.70 13.87 -16.58
CA LEU A 217 -19.10 13.73 -17.09
C LEU A 217 -19.97 13.01 -16.11
N GLN A 218 -19.41 12.04 -15.41
CA GLN A 218 -20.15 11.24 -14.42
C GLN A 218 -20.26 11.80 -13.00
N LYS A 219 -19.67 12.95 -12.68
CA LYS A 219 -19.58 13.38 -11.28
C LYS A 219 -20.91 13.78 -10.64
N MET B 1 19.48 -26.63 -1.12
CA MET B 1 18.35 -25.82 -1.63
C MET B 1 17.11 -26.05 -0.74
N PHE B 2 16.25 -25.05 -0.66
CA PHE B 2 14.94 -25.27 -0.01
C PHE B 2 14.15 -26.48 -0.55
N LYS B 3 13.42 -27.10 0.38
CA LYS B 3 12.67 -28.30 0.09
C LYS B 3 11.18 -28.09 0.04
N ALA B 4 10.70 -26.94 0.51
CA ALA B 4 9.25 -26.66 0.48
C ALA B 4 8.99 -25.17 0.36
N VAL B 5 7.81 -24.85 -0.17
CA VAL B 5 7.33 -23.47 -0.13
C VAL B 5 5.95 -23.46 0.53
N LEU B 6 5.81 -22.59 1.51
CA LEU B 6 4.62 -22.49 2.31
C LEU B 6 3.89 -21.21 1.91
N PHE B 7 2.71 -21.35 1.32
CA PHE B 7 1.95 -20.24 0.76
C PHE B 7 0.87 -19.77 1.74
N ASP B 8 0.81 -18.47 2.01
CA ASP B 8 -0.50 -17.94 2.38
C ASP B 8 -1.44 -17.92 1.15
N LEU B 9 -2.74 -17.78 1.40
CA LEU B 9 -3.74 -17.75 0.34
C LEU B 9 -4.05 -16.29 -0.01
N ASP B 10 -4.72 -15.56 0.88
CA ASP B 10 -5.04 -14.14 0.62
C ASP B 10 -3.82 -13.26 0.42
N GLY B 11 -3.83 -12.55 -0.70
CA GLY B 11 -2.71 -11.66 -1.06
C GLY B 11 -1.51 -12.32 -1.75
N VAL B 12 -1.54 -13.65 -1.86
CA VAL B 12 -0.46 -14.41 -2.51
C VAL B 12 -1.04 -15.22 -3.66
N ILE B 13 -1.99 -16.11 -3.39
CA ILE B 13 -2.60 -16.93 -4.44
C ILE B 13 -3.77 -16.18 -5.08
N THR B 14 -4.56 -15.53 -4.24
CA THR B 14 -5.75 -14.79 -4.72
C THR B 14 -6.21 -13.77 -3.68
N ASP B 15 -7.26 -13.02 -4.02
CA ASP B 15 -7.83 -12.07 -3.07
C ASP B 15 -9.13 -12.62 -2.54
N THR B 16 -9.20 -12.84 -1.24
CA THR B 16 -10.46 -13.08 -0.56
C THR B 16 -10.89 -11.87 0.24
N ALA B 17 -9.97 -10.94 0.51
CA ALA B 17 -10.27 -9.76 1.36
C ALA B 17 -11.48 -8.95 0.83
N GLU B 18 -11.60 -8.87 -0.51
CA GLU B 18 -12.69 -8.10 -1.12
C GLU B 18 -14.06 -8.69 -0.77
N TYR B 19 -14.15 -10.03 -0.78
CA TYR B 19 -15.41 -10.69 -0.43
C TYR B 19 -15.71 -10.53 1.06
N HIS B 20 -14.71 -10.66 1.94
CA HIS B 20 -14.98 -10.40 3.38
C HIS B 20 -15.53 -8.97 3.57
N PHE B 21 -14.94 -8.02 2.84
CA PHE B 21 -15.35 -6.63 2.99
C PHE B 21 -16.81 -6.46 2.54
N ARG B 22 -17.15 -6.97 1.36
CA ARG B 22 -18.56 -6.87 0.91
C ARG B 22 -19.55 -7.53 1.86
N ALA B 23 -19.18 -8.67 2.44
CA ALA B 23 -20.04 -9.35 3.39
C ALA B 23 -20.25 -8.56 4.66
N TRP B 24 -19.17 -7.98 5.19
CA TRP B 24 -19.31 -7.15 6.37
C TRP B 24 -20.14 -5.91 6.10
N LYS B 25 -19.95 -5.33 4.91
CA LYS B 25 -20.65 -4.09 4.54
C LYS B 25 -22.14 -4.37 4.41
N ALA B 26 -22.48 -5.45 3.71
CA ALA B 26 -23.88 -5.89 3.60
C ALA B 26 -24.51 -6.07 4.98
N LEU B 27 -23.78 -6.74 5.89
CA LEU B 27 -24.28 -6.94 7.25
C LEU B 27 -24.53 -5.62 7.97
N ALA B 28 -23.53 -4.75 7.96
CA ALA B 28 -23.62 -3.45 8.66
C ALA B 28 -24.77 -2.60 8.18
N GLU B 29 -25.06 -2.65 6.89
CA GLU B 29 -26.20 -1.94 6.30
C GLU B 29 -27.52 -2.49 6.77
N GLU B 30 -27.63 -3.82 6.76
CA GLU B 30 -28.85 -4.43 7.24
C GLU B 30 -29.18 -4.11 8.69
N ILE B 31 -28.16 -3.87 9.53
CA ILE B 31 -28.38 -3.57 10.94
C ILE B 31 -28.18 -2.07 11.29
N GLY B 32 -28.15 -1.22 10.26
CA GLY B 32 -28.18 0.23 10.42
C GLY B 32 -26.90 0.89 10.92
N ILE B 33 -25.75 0.31 10.61
CA ILE B 33 -24.48 0.84 11.10
C ILE B 33 -23.69 1.41 9.92
N ASN B 34 -23.26 2.66 10.10
CA ASN B 34 -22.50 3.41 9.10
C ASN B 34 -21.03 3.33 9.40
N GLY B 35 -20.24 3.44 8.33
CA GLY B 35 -18.80 3.57 8.46
C GLY B 35 -18.00 2.31 8.20
N VAL B 36 -18.64 1.23 7.76
CA VAL B 36 -17.87 0.05 7.33
C VAL B 36 -17.54 0.25 5.84
N ASP B 37 -16.47 0.99 5.62
CA ASP B 37 -15.95 1.23 4.30
C ASP B 37 -14.62 0.50 4.23
N ARG B 38 -13.88 0.66 3.14
CA ARG B 38 -12.59 -0.03 3.02
C ARG B 38 -11.51 0.46 3.96
N GLN B 39 -11.54 1.73 4.33
CA GLN B 39 -10.61 2.26 5.32
C GLN B 39 -10.86 1.56 6.67
N PHE B 40 -12.11 1.60 7.12
CA PHE B 40 -12.50 0.89 8.35
C PHE B 40 -12.18 -0.59 8.26
N ASN B 41 -12.48 -1.20 7.12
CA ASN B 41 -12.19 -2.63 6.92
C ASN B 41 -10.74 -3.04 7.22
N GLU B 42 -9.78 -2.09 7.13
CA GLU B 42 -8.40 -2.41 7.51
C GLU B 42 -8.24 -2.96 8.93
N GLN B 43 -8.99 -2.46 9.88
CA GLN B 43 -8.90 -3.02 11.25
C GLN B 43 -9.72 -4.30 11.49
N LEU B 44 -10.39 -4.83 10.45
CA LEU B 44 -10.97 -6.19 10.51
C LEU B 44 -10.03 -7.26 9.97
N LYS B 45 -8.96 -6.86 9.28
CA LYS B 45 -8.06 -7.83 8.65
C LYS B 45 -7.25 -8.64 9.66
N GLY B 46 -7.27 -9.98 9.53
CA GLY B 46 -6.56 -10.88 10.45
C GLY B 46 -7.16 -11.03 11.84
N VAL B 47 -8.36 -10.49 12.04
CA VAL B 47 -9.10 -10.46 13.32
C VAL B 47 -10.19 -11.49 13.21
N SER B 48 -10.59 -12.15 14.30
CA SER B 48 -11.58 -13.25 14.20
C SER B 48 -12.91 -12.68 13.74
N ARG B 49 -13.77 -13.53 13.21
CA ARG B 49 -15.13 -13.15 12.84
C ARG B 49 -15.86 -12.43 13.98
N GLU B 50 -15.75 -12.98 15.19
CA GLU B 50 -16.42 -12.45 16.36
C GLU B 50 -15.86 -11.12 16.79
N ASP B 51 -14.54 -10.98 16.81
CA ASP B 51 -13.94 -9.67 17.12
C ASP B 51 -14.21 -8.60 16.07
N SER B 52 -14.28 -9.00 14.81
CA SER B 52 -14.68 -8.08 13.74
C SER B 52 -16.12 -7.56 13.88
N LEU B 53 -17.07 -8.44 14.20
CA LEU B 53 -18.42 -8.02 14.43
C LEU B 53 -18.50 -7.03 15.60
N GLN B 54 -17.79 -7.34 16.68
CA GLN B 54 -17.77 -6.44 17.85
C GLN B 54 -17.28 -5.07 17.41
N LYS B 55 -16.17 -5.04 16.66
CA LYS B 55 -15.65 -3.74 16.20
C LYS B 55 -16.70 -2.94 15.43
N ILE B 56 -17.51 -3.61 14.61
CA ILE B 56 -18.59 -3.00 13.84
C ILE B 56 -19.73 -2.56 14.74
N LEU B 57 -20.09 -3.40 15.70
CA LEU B 57 -21.13 -2.99 16.65
C LEU B 57 -20.62 -1.75 17.42
N ASP B 58 -19.36 -1.79 17.89
CA ASP B 58 -18.74 -0.64 18.62
C ASP B 58 -18.74 0.70 17.89
N LEU B 59 -18.97 0.71 16.57
CA LEU B 59 -19.15 1.94 15.79
C LEU B 59 -20.38 2.69 16.26
N ALA B 60 -21.53 1.99 16.32
CA ALA B 60 -22.79 2.58 16.76
C ALA B 60 -23.09 2.35 18.24
N ASP B 61 -22.07 2.02 19.03
CA ASP B 61 -22.19 1.53 20.41
C ASP B 61 -23.35 0.54 20.62
N LYS B 62 -23.59 -0.34 19.64
CA LYS B 62 -24.74 -1.24 19.68
C LYS B 62 -24.43 -2.45 20.53
N LYS B 63 -25.47 -2.91 21.24
CA LYS B 63 -25.45 -4.14 22.01
C LYS B 63 -26.43 -5.12 21.38
N VAL B 64 -26.11 -6.41 21.48
CA VAL B 64 -27.02 -7.49 21.08
C VAL B 64 -26.93 -8.64 22.06
N SER B 65 -27.90 -9.55 22.04
CA SER B 65 -27.89 -10.73 22.89
C SER B 65 -26.77 -11.63 22.44
N ALA B 66 -26.33 -12.56 23.29
CA ALA B 66 -25.34 -13.53 22.85
C ALA B 66 -25.87 -14.32 21.65
N GLU B 67 -27.15 -14.71 21.67
CA GLU B 67 -27.77 -15.44 20.57
C GLU B 67 -27.80 -14.62 19.28
N GLU B 68 -28.17 -13.35 19.38
CA GLU B 68 -28.21 -12.56 18.16
C GLU B 68 -26.78 -12.30 17.64
N PHE B 69 -25.82 -12.16 18.54
CA PHE B 69 -24.41 -11.98 18.15
C PHE B 69 -23.97 -13.18 17.28
N LYS B 70 -24.29 -14.39 17.75
CA LYS B 70 -23.96 -15.60 17.02
C LYS B 70 -24.64 -15.65 15.67
N GLU B 71 -25.88 -15.18 15.58
CA GLU B 71 -26.59 -15.15 14.30
C GLU B 71 -26.06 -14.12 13.30
N LEU B 72 -25.66 -12.96 13.79
CA LEU B 72 -25.05 -11.95 12.93
C LEU B 72 -23.74 -12.48 12.32
N ALA B 73 -22.89 -13.06 13.17
CA ALA B 73 -21.62 -13.64 12.70
C ALA B 73 -21.86 -14.72 11.64
N LYS B 74 -22.88 -15.55 11.88
CA LYS B 74 -23.26 -16.58 10.93
C LYS B 74 -23.77 -16.03 9.62
N ARG B 75 -24.64 -15.02 9.66
CA ARG B 75 -25.16 -14.45 8.43
C ARG B 75 -24.02 -13.89 7.55
N LYS B 76 -23.09 -13.19 8.17
CA LYS B 76 -21.92 -12.66 7.44
C LYS B 76 -21.14 -13.80 6.79
N ASN B 77 -20.88 -14.86 7.54
CA ASN B 77 -20.15 -16.00 6.97
C ASN B 77 -20.91 -16.68 5.83
N ASP B 78 -22.23 -16.88 6.01
CA ASP B 78 -23.09 -17.41 4.94
C ASP B 78 -22.99 -16.56 3.71
N ASN B 79 -23.03 -15.25 3.90
CA ASN B 79 -22.93 -14.38 2.76
C ASN B 79 -21.56 -14.51 2.07
N TYR B 80 -20.49 -14.50 2.85
CA TYR B 80 -19.14 -14.72 2.32
C TYR B 80 -19.05 -16.02 1.49
N VAL B 81 -19.53 -17.12 2.06
CA VAL B 81 -19.47 -18.44 1.41
C VAL B 81 -20.27 -18.41 0.12
N LYS B 82 -21.42 -17.75 0.14
CA LYS B 82 -22.15 -17.53 -1.10
C LYS B 82 -21.28 -16.76 -2.11
N MET B 83 -20.59 -15.70 -1.68
CA MET B 83 -19.82 -14.89 -2.63
C MET B 83 -18.66 -15.65 -3.24
N ILE B 84 -18.03 -16.53 -2.47
CA ILE B 84 -16.87 -17.22 -3.03
C ILE B 84 -17.26 -18.41 -3.93
N GLN B 85 -18.54 -18.69 -4.08
CA GLN B 85 -18.98 -19.75 -4.99
C GLN B 85 -18.49 -19.53 -6.40
N ASP B 86 -18.25 -18.27 -6.75
CA ASP B 86 -17.85 -17.83 -8.09
C ASP B 86 -16.34 -17.83 -8.34
N VAL B 87 -15.53 -18.11 -7.31
CA VAL B 87 -14.08 -18.10 -7.47
C VAL B 87 -13.72 -19.14 -8.53
N SER B 88 -12.76 -18.80 -9.39
CA SER B 88 -12.40 -19.67 -10.52
C SER B 88 -10.90 -19.58 -10.78
N PRO B 89 -10.37 -20.43 -11.69
CA PRO B 89 -8.93 -20.33 -11.99
C PRO B 89 -8.48 -18.96 -12.55
N ALA B 90 -9.42 -18.20 -13.12
CA ALA B 90 -9.10 -16.85 -13.59
C ALA B 90 -8.74 -15.93 -12.43
N ASP B 91 -9.12 -16.27 -11.19
CA ASP B 91 -8.80 -15.45 -10.03
C ASP B 91 -7.42 -15.70 -9.39
N VAL B 92 -6.65 -16.64 -9.93
CA VAL B 92 -5.29 -16.88 -9.45
C VAL B 92 -4.40 -15.73 -9.85
N TYR B 93 -3.61 -15.24 -8.90
CA TYR B 93 -2.71 -14.14 -9.09
C TYR B 93 -1.60 -14.44 -10.13
N PRO B 94 -1.09 -13.40 -10.81
CA PRO B 94 -0.11 -13.63 -11.87
C PRO B 94 1.14 -14.30 -11.36
N GLY B 95 1.68 -15.22 -12.15
CA GLY B 95 2.91 -15.92 -11.76
C GLY B 95 2.75 -17.14 -10.87
N ILE B 96 1.60 -17.26 -10.19
CA ILE B 96 1.43 -18.29 -9.14
C ILE B 96 1.25 -19.66 -9.75
N LEU B 97 0.39 -19.77 -10.75
CA LEU B 97 0.20 -21.05 -11.39
C LEU B 97 1.53 -21.57 -11.97
N GLN B 98 2.31 -20.70 -12.60
CA GLN B 98 3.61 -21.14 -13.18
C GLN B 98 4.59 -21.53 -12.09
N LEU B 99 4.58 -20.78 -10.98
CA LEU B 99 5.45 -21.10 -9.87
C LEU B 99 5.11 -22.49 -9.35
N LEU B 100 3.83 -22.76 -9.16
CA LEU B 100 3.38 -24.08 -8.65
C LEU B 100 3.83 -25.22 -9.57
N LYS B 101 3.65 -25.00 -10.87
CA LYS B 101 4.11 -25.98 -11.84
C LYS B 101 5.61 -26.24 -11.75
N ASP B 102 6.41 -25.19 -11.68
CA ASP B 102 7.86 -25.32 -11.56
C ASP B 102 8.32 -25.94 -10.26
N LEU B 103 7.70 -25.55 -9.13
CA LEU B 103 8.02 -26.21 -7.88
C LEU B 103 7.76 -27.70 -7.97
N ARG B 104 6.58 -28.03 -8.49
CA ARG B 104 6.20 -29.41 -8.63
C ARG B 104 7.18 -30.19 -9.54
N SER B 105 7.57 -29.61 -10.68
CA SER B 105 8.48 -30.32 -11.59
C SER B 105 9.87 -30.54 -10.97
N ASN B 106 10.27 -29.66 -10.04
CA ASN B 106 11.50 -29.78 -9.29
C ASN B 106 11.37 -30.53 -7.95
N LYS B 107 10.21 -31.16 -7.74
CA LYS B 107 9.97 -31.98 -6.56
C LYS B 107 10.12 -31.17 -5.29
N ILE B 108 9.73 -29.89 -5.33
CA ILE B 108 9.72 -29.08 -4.14
C ILE B 108 8.30 -29.14 -3.54
N LYS B 109 8.23 -29.36 -2.23
CA LYS B 109 6.92 -29.52 -1.56
C LYS B 109 6.19 -28.19 -1.53
N ILE B 110 4.86 -28.28 -1.56
CA ILE B 110 3.99 -27.10 -1.64
C ILE B 110 2.91 -27.31 -0.59
N ALA B 111 2.79 -26.35 0.30
CA ALA B 111 1.82 -26.43 1.38
C ALA B 111 1.11 -25.08 1.55
N LEU B 112 -0.18 -25.13 1.92
CA LEU B 112 -0.91 -23.92 2.26
C LEU B 112 -0.82 -23.66 3.78
N ALA B 113 -0.49 -22.43 4.12
CA ALA B 113 -0.39 -22.00 5.52
C ALA B 113 -1.28 -20.77 5.70
N SER B 114 -2.58 -20.98 5.53
CA SER B 114 -3.60 -19.94 5.54
C SER B 114 -4.56 -20.08 6.69
N ALA B 115 -5.00 -18.93 7.20
CA ALA B 115 -6.03 -18.92 8.22
C ALA B 115 -7.44 -19.18 7.63
N SER B 116 -7.57 -19.22 6.31
CA SER B 116 -8.87 -19.45 5.68
C SER B 116 -9.47 -20.79 6.07
N LYS B 117 -10.68 -20.73 6.59
CA LYS B 117 -11.43 -21.93 6.85
C LYS B 117 -11.99 -22.53 5.58
N ASN B 118 -11.89 -21.81 4.48
CA ASN B 118 -12.34 -22.32 3.20
C ASN B 118 -11.16 -22.64 2.24
N GLY B 119 -9.94 -22.78 2.78
CA GLY B 119 -8.79 -23.00 1.93
C GLY B 119 -8.92 -24.17 0.95
N PRO B 120 -9.29 -25.39 1.41
CA PRO B 120 -9.42 -26.53 0.47
C PRO B 120 -10.47 -26.27 -0.61
N PHE B 121 -11.57 -25.68 -0.21
CA PHE B 121 -12.60 -25.29 -1.21
C PHE B 121 -12.08 -24.28 -2.24
N LEU B 122 -11.44 -23.22 -1.78
CA LEU B 122 -10.86 -22.23 -2.68
C LEU B 122 -9.79 -22.78 -3.63
N LEU B 123 -8.94 -23.69 -3.12
CA LEU B 123 -7.97 -24.33 -4.01
C LEU B 123 -8.65 -25.20 -5.06
N GLU B 124 -9.74 -25.86 -4.69
CA GLU B 124 -10.54 -26.68 -5.63
C GLU B 124 -11.17 -25.78 -6.69
N ARG B 125 -11.76 -24.66 -6.26
CA ARG B 125 -12.36 -23.71 -7.23
C ARG B 125 -11.35 -23.11 -8.20
N MET B 126 -10.10 -22.92 -7.76
CA MET B 126 -9.03 -22.41 -8.60
C MET B 126 -8.26 -23.50 -9.37
N ASN B 127 -8.68 -24.77 -9.22
CA ASN B 127 -8.02 -25.93 -9.88
C ASN B 127 -6.54 -26.03 -9.50
N LEU B 128 -6.26 -25.78 -8.23
CA LEU B 128 -4.88 -25.81 -7.71
C LEU B 128 -4.63 -26.96 -6.80
N THR B 129 -5.69 -27.64 -6.37
CA THR B 129 -5.59 -28.76 -5.43
C THR B 129 -4.45 -29.72 -5.75
N GLY B 130 -4.36 -30.08 -7.04
CA GLY B 130 -3.32 -30.98 -7.58
C GLY B 130 -1.88 -30.64 -7.24
N TYR B 131 -1.57 -29.36 -7.09
CA TYR B 131 -0.23 -28.95 -6.79
C TYR B 131 0.14 -29.04 -5.31
N PHE B 132 -0.87 -29.03 -4.44
CA PHE B 132 -0.57 -28.95 -3.02
C PHE B 132 -0.37 -30.32 -2.41
N ASP B 133 0.72 -30.43 -1.65
CA ASP B 133 1.02 -31.65 -0.91
C ASP B 133 0.34 -31.67 0.43
N ALA B 134 0.04 -30.50 0.97
CA ALA B 134 -0.70 -30.40 2.23
C ALA B 134 -1.36 -29.03 2.37
N ILE B 135 -2.41 -29.01 3.19
CA ILE B 135 -3.04 -27.79 3.67
C ILE B 135 -3.10 -27.85 5.19
N ALA B 136 -2.48 -26.87 5.85
CA ALA B 136 -2.45 -26.83 7.31
C ALA B 136 -3.85 -26.45 7.76
N ASP B 137 -4.44 -27.21 8.67
CA ASP B 137 -5.79 -26.90 9.12
C ASP B 137 -5.73 -25.81 10.17
N PRO B 138 -6.24 -24.61 9.85
CA PRO B 138 -6.18 -23.56 10.86
C PRO B 138 -7.04 -23.82 12.08
N ALA B 139 -8.05 -24.71 11.99
CA ALA B 139 -8.80 -25.17 13.19
C ALA B 139 -7.92 -25.93 14.21
N GLU B 140 -6.81 -26.48 13.75
CA GLU B 140 -5.96 -27.28 14.61
C GLU B 140 -4.79 -26.48 15.17
N VAL B 141 -4.71 -25.19 14.92
CA VAL B 141 -3.55 -24.42 15.42
C VAL B 141 -4.03 -23.60 16.58
N ALA B 142 -3.21 -23.55 17.62
CA ALA B 142 -3.61 -22.88 18.84
C ALA B 142 -3.59 -21.36 18.70
N ALA B 143 -2.66 -20.82 17.91
CA ALA B 143 -2.45 -19.37 17.83
C ALA B 143 -2.34 -18.92 16.38
N SER B 144 -2.98 -17.81 16.07
CA SER B 144 -2.90 -17.24 14.75
C SER B 144 -1.68 -16.35 14.56
N LYS B 145 -1.44 -16.03 13.29
CA LYS B 145 -0.38 -15.17 12.86
C LYS B 145 -0.54 -13.87 13.70
N PRO B 146 0.54 -13.28 14.22
CA PRO B 146 1.92 -13.58 13.90
C PRO B 146 2.63 -14.76 14.60
N ALA B 147 1.91 -15.54 15.39
CA ALA B 147 2.45 -16.78 15.93
C ALA B 147 2.82 -17.69 14.75
N PRO B 148 3.93 -18.44 14.90
CA PRO B 148 4.44 -19.22 13.77
C PRO B 148 3.73 -20.56 13.56
N ASP B 149 2.82 -20.92 14.44
CA ASP B 149 2.16 -22.21 14.45
C ASP B 149 1.69 -22.74 13.08
N ILE B 150 1.01 -21.91 12.34
CA ILE B 150 0.42 -22.37 11.06
C ILE B 150 1.52 -22.72 10.06
N PHE B 151 2.61 -21.97 10.06
CA PHE B 151 3.73 -22.25 9.14
C PHE B 151 4.51 -23.49 9.58
N ILE B 152 4.67 -23.68 10.89
CA ILE B 152 5.23 -24.90 11.41
C ILE B 152 4.41 -26.11 10.99
N ALA B 153 3.08 -26.03 11.17
CA ALA B 153 2.21 -27.11 10.83
C ALA B 153 2.28 -27.46 9.33
N ALA B 154 2.29 -26.43 8.48
CA ALA B 154 2.39 -26.61 7.02
C ALA B 154 3.68 -27.35 6.65
N ALA B 155 4.81 -26.89 7.24
CA ALA B 155 6.08 -27.55 6.92
C ALA B 155 6.07 -29.00 7.37
N HIS B 156 5.68 -29.24 8.61
CA HIS B 156 5.59 -30.62 9.14
C HIS B 156 4.71 -31.50 8.28
N ALA B 157 3.59 -30.96 7.79
CA ALA B 157 2.65 -31.80 7.03
C ALA B 157 3.24 -32.29 5.72
N VAL B 158 4.25 -31.61 5.19
CA VAL B 158 4.93 -32.07 3.98
C VAL B 158 6.27 -32.74 4.29
N GLY B 159 6.53 -33.06 5.55
CA GLY B 159 7.71 -33.86 5.94
C GLY B 159 9.01 -33.03 5.97
N VAL B 160 8.90 -31.74 6.18
CA VAL B 160 10.10 -30.87 6.30
C VAL B 160 10.09 -30.07 7.60
N ALA B 161 11.27 -29.59 7.98
CA ALA B 161 11.38 -28.63 9.07
C ALA B 161 11.18 -27.24 8.43
N PRO B 162 10.63 -26.32 9.18
CA PRO B 162 10.48 -24.95 8.66
C PRO B 162 11.80 -24.34 8.16
N SER B 163 12.92 -24.67 8.82
CA SER B 163 14.26 -24.25 8.32
C SER B 163 14.62 -24.67 6.87
N GLU B 164 13.93 -25.69 6.34
CA GLU B 164 14.09 -26.11 4.96
C GLU B 164 13.16 -25.40 4.00
N SER B 165 12.42 -24.40 4.49
CA SER B 165 11.30 -23.86 3.73
C SER B 165 11.43 -22.38 3.50
N ILE B 166 10.80 -21.95 2.42
CA ILE B 166 10.50 -20.54 2.16
C ILE B 166 8.98 -20.32 2.45
N GLY B 167 8.67 -19.20 3.08
CA GLY B 167 7.25 -18.79 3.21
C GLY B 167 6.97 -17.51 2.42
N LEU B 168 5.80 -17.48 1.75
CA LEU B 168 5.36 -16.36 0.95
C LEU B 168 4.15 -15.69 1.61
N GLU B 169 4.26 -14.39 1.90
CA GLU B 169 3.20 -13.65 2.58
C GLU B 169 3.20 -12.20 2.09
N ASP B 170 2.06 -11.55 2.28
CA ASP B 170 1.87 -10.15 1.93
C ASP B 170 1.57 -9.27 3.15
N SER B 171 1.55 -9.84 4.35
CA SER B 171 1.17 -9.10 5.55
C SER B 171 2.27 -9.09 6.59
N GLN B 172 2.27 -8.07 7.45
CA GLN B 172 3.27 -7.99 8.50
C GLN B 172 3.22 -9.17 9.44
N ALA B 173 2.02 -9.50 9.88
CA ALA B 173 1.86 -10.55 10.84
C ALA B 173 2.35 -11.88 10.24
N GLY B 174 2.06 -12.10 8.97
CA GLY B 174 2.47 -13.33 8.29
C GLY B 174 3.97 -13.42 8.11
N ILE B 175 4.60 -12.30 7.77
CA ILE B 175 6.07 -12.28 7.68
C ILE B 175 6.70 -12.64 9.02
N GLN B 176 6.18 -12.09 10.11
CA GLN B 176 6.68 -12.37 11.45
C GLN B 176 6.47 -13.84 11.81
N ALA B 177 5.33 -14.39 11.41
CA ALA B 177 5.06 -15.83 11.65
C ALA B 177 6.08 -16.70 10.92
N ILE B 178 6.37 -16.33 9.68
CA ILE B 178 7.34 -17.07 8.91
C ILE B 178 8.70 -16.99 9.60
N LYS B 179 9.12 -15.77 9.89
CA LYS B 179 10.36 -15.59 10.62
C LYS B 179 10.45 -16.44 11.87
N ASP B 180 9.43 -16.40 12.71
CA ASP B 180 9.49 -17.12 13.97
C ASP B 180 9.36 -18.63 13.80
N SER B 181 8.94 -19.10 12.62
CA SER B 181 8.87 -20.52 12.39
C SER B 181 10.22 -21.13 12.12
N GLY B 182 11.17 -20.31 11.69
CA GLY B 182 12.48 -20.79 11.20
C GLY B 182 12.60 -20.80 9.70
N ALA B 183 11.51 -20.55 8.99
CA ALA B 183 11.49 -20.48 7.54
C ALA B 183 11.96 -19.12 7.07
N LEU B 184 12.23 -19.05 5.78
CA LEU B 184 12.76 -17.82 5.13
C LEU B 184 11.60 -17.09 4.48
N PRO B 185 11.31 -15.86 4.92
CA PRO B 185 10.23 -15.13 4.28
C PRO B 185 10.66 -14.43 3.01
N ILE B 186 9.80 -14.48 2.01
CA ILE B 186 9.89 -13.58 0.88
C ILE B 186 8.52 -12.92 0.77
N GLY B 187 8.51 -11.61 1.01
CA GLY B 187 7.27 -10.85 1.04
C GLY B 187 6.87 -10.39 -0.35
N VAL B 188 5.58 -10.06 -0.49
CA VAL B 188 5.07 -9.39 -1.65
C VAL B 188 4.32 -8.15 -1.16
N GLY B 189 4.73 -6.99 -1.68
CA GLY B 189 4.19 -5.70 -1.25
C GLY B 189 5.31 -4.67 -1.23
N ARG B 190 5.38 -3.92 -0.14
CA ARG B 190 6.32 -2.82 -0.01
C ARG B 190 7.16 -2.98 1.25
N PRO B 191 8.48 -2.66 1.17
CA PRO B 191 9.30 -2.67 2.40
C PRO B 191 8.81 -1.70 3.48
N GLU B 192 8.14 -0.63 3.06
CA GLU B 192 7.50 0.33 3.97
C GLU B 192 6.56 -0.39 4.96
N ASP B 193 5.94 -1.47 4.50
CA ASP B 193 4.99 -2.26 5.26
C ASP B 193 5.60 -3.52 5.86
N LEU B 194 6.43 -4.21 5.10
CA LEU B 194 6.89 -5.55 5.49
C LEU B 194 8.31 -5.62 6.01
N GLY B 195 9.03 -4.49 6.00
CA GLY B 195 10.39 -4.40 6.54
C GLY B 195 11.46 -4.42 5.50
N ASP B 196 12.63 -3.93 5.93
CA ASP B 196 13.84 -3.86 5.09
C ASP B 196 14.79 -5.03 5.23
N ASP B 197 14.57 -5.84 6.25
CA ASP B 197 15.43 -6.98 6.56
C ASP B 197 15.13 -8.22 5.74
N ILE B 198 14.11 -8.21 4.89
CA ILE B 198 13.75 -9.38 4.13
C ILE B 198 13.65 -9.00 2.68
N VAL B 199 13.71 -9.99 1.80
CA VAL B 199 13.49 -9.75 0.40
C VAL B 199 11.99 -9.57 0.16
N ILE B 200 11.65 -8.51 -0.58
CA ILE B 200 10.27 -8.24 -0.98
C ILE B 200 10.20 -8.00 -2.47
N VAL B 201 9.24 -8.64 -3.09
CA VAL B 201 8.89 -8.40 -4.47
C VAL B 201 7.65 -7.49 -4.57
N PRO B 202 7.59 -6.66 -5.62
CA PRO B 202 6.47 -5.72 -5.73
C PRO B 202 5.12 -6.35 -6.05
N ASP B 203 5.12 -7.49 -6.77
CA ASP B 203 3.88 -8.24 -7.03
C ASP B 203 4.20 -9.70 -7.30
N THR B 204 3.18 -10.53 -7.40
CA THR B 204 3.40 -11.98 -7.45
C THR B 204 4.05 -12.46 -8.76
N SER B 205 4.04 -11.64 -9.83
CA SER B 205 4.73 -12.01 -11.08
C SER B 205 6.27 -12.19 -10.87
N HIS B 206 6.83 -11.57 -9.84
CA HIS B 206 8.23 -11.71 -9.46
C HIS B 206 8.56 -12.99 -8.66
N TYR B 207 7.54 -13.72 -8.24
CA TYR B 207 7.74 -14.97 -7.52
C TYR B 207 7.99 -16.05 -8.58
N THR B 208 9.24 -16.23 -8.95
CA THR B 208 9.61 -17.26 -9.94
C THR B 208 10.50 -18.26 -9.19
N LEU B 209 10.57 -19.50 -9.66
CA LEU B 209 11.44 -20.48 -9.01
C LEU B 209 12.87 -19.99 -9.03
N GLU B 210 13.29 -19.46 -10.18
CA GLU B 210 14.65 -18.92 -10.30
C GLU B 210 14.94 -17.85 -9.23
N PHE B 211 13.99 -16.94 -8.97
CA PHE B 211 14.20 -15.91 -7.97
C PHE B 211 14.27 -16.49 -6.57
N LEU B 212 13.34 -17.39 -6.21
CA LEU B 212 13.40 -18.00 -4.89
C LEU B 212 14.73 -18.69 -4.67
N LYS B 213 15.25 -19.36 -5.69
CA LYS B 213 16.54 -20.06 -5.55
C LYS B 213 17.64 -19.04 -5.28
N GLU B 214 17.64 -17.95 -6.07
CA GLU B 214 18.60 -16.83 -5.84
C GLU B 214 18.51 -16.28 -4.43
N VAL B 215 17.30 -16.06 -3.94
CA VAL B 215 17.15 -15.55 -2.57
C VAL B 215 17.70 -16.56 -1.57
N TRP B 216 17.39 -17.85 -1.78
CA TRP B 216 17.81 -18.85 -0.81
C TRP B 216 19.34 -18.90 -0.71
N LEU B 217 20.00 -18.89 -1.86
CA LEU B 217 21.48 -18.99 -1.92
C LEU B 217 22.14 -17.76 -1.30
N GLN B 218 21.50 -16.60 -1.38
CA GLN B 218 22.08 -15.38 -0.79
C GLN B 218 21.75 -15.14 0.70
N LYS B 219 20.93 -15.99 1.35
CA LYS B 219 20.34 -15.65 2.67
C LYS B 219 21.29 -15.37 3.85
MG MG C . 1.20 13.15 -3.41
C1 EDO D . -15.77 20.04 -9.54
O1 EDO D . -16.78 20.98 -9.92
C2 EDO D . -16.20 19.31 -8.29
O2 EDO D . -17.28 18.44 -8.65
C1 EDO E . 10.85 6.03 0.78
O1 EDO E . 9.65 6.13 -0.01
C2 EDO E . 10.64 4.92 1.79
O2 EDO E . 10.79 3.69 1.10
C1 EDO F . -9.31 2.98 -15.31
O1 EDO F . -8.60 2.47 -16.45
C2 EDO F . -9.31 1.94 -14.20
O2 EDO F . -8.97 2.59 -12.97
C ACT G . 7.86 16.85 -1.46
O ACT G . 8.98 17.12 -0.92
OXT ACT G . 7.74 16.32 -2.60
CH3 ACT G . 6.62 17.24 -0.69
C ACT H . 6.59 14.23 2.89
O ACT H . 6.66 13.85 4.09
OXT ACT H . 5.53 14.06 2.24
CH3 ACT H . 7.77 14.91 2.26
P PO4 I . 11.36 19.37 4.47
O1 PO4 I . 12.44 18.58 5.20
O2 PO4 I . 11.23 18.78 3.04
O3 PO4 I . 11.76 20.84 4.34
O4 PO4 I . 10.05 19.33 5.24
C1 PDO J . 8.61 20.23 -22.09
O1 PDO J . 9.53 20.89 -21.20
C2 PDO J . 8.85 20.55 -23.59
C3 PDO J . 8.05 21.76 -24.13
O3 PDO J . 6.63 21.60 -24.03
MG MG K . -1.73 -12.90 3.11
C1 EDO L . 15.51 -20.69 6.52
O1 EDO L . 16.59 -21.62 6.76
C2 EDO L . 15.75 -19.40 7.29
O2 EDO L . 17.08 -18.96 6.95
C1 EDO M . -8.28 -33.28 8.98
O1 EDO M . -9.66 -33.36 9.40
C2 EDO M . -7.74 -31.85 9.04
O2 EDO M . -7.76 -31.41 10.42
C1 EDO N . -3.09 -18.60 11.23
O1 EDO N . -3.40 -17.22 11.46
C2 EDO N . -4.01 -19.56 11.97
O2 EDO N . -5.36 -19.09 12.04
C1 EDO O . -0.48 -8.23 -6.50
O1 EDO O . 0.67 -8.92 -6.01
C2 EDO O . -1.13 -9.07 -7.58
O2 EDO O . -0.11 -9.88 -8.17
P PO4 P . -13.43 -15.73 9.62
O1 PO4 P . -12.51 -15.81 8.41
O2 PO4 P . -12.79 -14.90 10.71
O3 PO4 P . -13.67 -17.11 10.16
O4 PO4 P . -14.75 -15.13 9.22
#